data_7O5P
#
_entry.id   7O5P
#
_cell.length_a   82.792
_cell.length_b   112.315
_cell.length_c   62.611
_cell.angle_alpha   90.000
_cell.angle_beta   90.000
_cell.angle_gamma   90.000
#
_symmetry.space_group_name_H-M   'C 2 2 21'
#
loop_
_entity.id
_entity.type
_entity.pdbx_description
1 polymer '14-3-3 protein sigma'
2 polymer 'Transcription factor p65'
3 non-polymer 'CHLORIDE ION'
4 non-polymer 4-methanoyl-~{N}-(oxan-4-ylmethyl)benzamide
5 water water
#
loop_
_entity_poly.entity_id
_entity_poly.type
_entity_poly.pdbx_seq_one_letter_code
_entity_poly.pdbx_strand_id
1 'polypeptide(L)'
;GAMGSMERASLIQKAKLAEQAERYEDMAAFMKGAVEKGEELS(CSO)EERNLLSVAYKNVVGGQRAAWRVLSSIEQKSNE
EGSEEKGPEVREYREKVETELQGVCDTVLGLLDSHLIKEAGDAESRVFYLKMKGDYYRYLAEVATGDDKKRIIDSARSAY
QEAMDISKKEMPPTNPIRLGLALNFSVFHYEIANSPEEAISLAKTTFDEAMADLHTLSEDSYKDSTLIMQLLRDNLTLWT
;
A
2 'polypeptide(L)' EGRSAG(SEP)IPGRRS P
#
loop_
_chem_comp.id
_chem_comp.type
_chem_comp.name
_chem_comp.formula
CL non-polymer 'CHLORIDE ION' 'Cl -1'
V3N non-polymer 4-methanoyl-~{N}-(oxan-4-ylmethyl)benzamide 'C14 H17 N O3'
#
# COMPACT_ATOMS: atom_id res chain seq x y z
N MET A 3 -7.71 -16.11 -15.60
CA MET A 3 -7.65 -17.32 -14.81
C MET A 3 -9.05 -17.87 -14.64
N GLY A 4 -9.90 -17.58 -15.61
CA GLY A 4 -11.31 -17.93 -15.49
C GLY A 4 -11.57 -19.42 -15.37
N SER A 5 -10.71 -20.24 -15.94
CA SER A 5 -10.96 -21.68 -15.88
C SER A 5 -10.37 -22.38 -14.65
N MET A 6 -9.62 -21.68 -13.80
CA MET A 6 -9.05 -22.31 -12.61
C MET A 6 -9.96 -22.11 -11.41
N GLU A 7 -10.07 -23.13 -10.57
CA GLU A 7 -10.85 -23.03 -9.33
C GLU A 7 -10.30 -21.94 -8.41
N ARG A 8 -11.21 -21.25 -7.71
CA ARG A 8 -10.79 -20.25 -6.73
C ARG A 8 -9.79 -20.82 -5.73
N ALA A 9 -10.09 -22.02 -5.20
CA ALA A 9 -9.20 -22.56 -4.17
C ALA A 9 -7.81 -22.88 -4.75
N SER A 10 -7.77 -23.34 -6.01
CA SER A 10 -6.48 -23.59 -6.65
C SER A 10 -5.68 -22.31 -6.89
N LEU A 11 -6.37 -21.24 -7.28
CA LEU A 11 -5.70 -19.94 -7.42
C LEU A 11 -5.09 -19.51 -6.08
N ILE A 12 -5.83 -19.66 -4.98
CA ILE A 12 -5.30 -19.28 -3.68
C ILE A 12 -4.10 -20.15 -3.31
N GLN A 13 -4.24 -21.46 -3.51
CA GLN A 13 -3.11 -22.36 -3.24
C GLN A 13 -1.88 -22.00 -4.08
N LYS A 14 -2.08 -21.69 -5.35
CA LYS A 14 -0.93 -21.34 -6.20
C LYS A 14 -0.36 -19.97 -5.84
N ALA A 15 -1.19 -19.02 -5.38
CA ALA A 15 -0.63 -17.75 -4.90
C ALA A 15 0.31 -17.99 -3.72
N LYS A 16 -0.05 -18.91 -2.83
CA LYS A 16 0.84 -19.21 -1.69
C LYS A 16 2.13 -19.86 -2.17
N LEU A 17 2.04 -20.75 -3.15
CA LEU A 17 3.24 -21.36 -3.70
C LEU A 17 4.12 -20.32 -4.39
N ALA A 18 3.50 -19.42 -5.16
CA ALA A 18 4.27 -18.37 -5.83
C ALA A 18 4.99 -17.49 -4.82
N GLU A 19 4.34 -17.20 -3.68
CA GLU A 19 5.02 -16.42 -2.66
C GLU A 19 6.25 -17.17 -2.16
N GLN A 20 6.14 -18.49 -1.94
CA GLN A 20 7.29 -19.25 -1.46
C GLN A 20 8.42 -19.28 -2.48
N ALA A 21 8.08 -19.25 -3.76
CA ALA A 21 9.02 -19.27 -4.86
C ALA A 21 9.49 -17.88 -5.24
N GLU A 22 9.02 -16.85 -4.55
CA GLU A 22 9.32 -15.45 -4.85
C GLU A 22 8.97 -15.10 -6.29
N ARG A 23 7.86 -15.64 -6.78
CA ARG A 23 7.35 -15.36 -8.11
C ARG A 23 6.16 -14.42 -7.96
N TYR A 24 6.46 -13.14 -7.72
CA TYR A 24 5.39 -12.24 -7.30
C TYR A 24 4.47 -11.83 -8.44
N GLU A 25 4.97 -11.77 -9.67
N GLU A 25 4.96 -11.77 -9.68
CA GLU A 25 4.08 -11.52 -10.81
CA GLU A 25 4.07 -11.52 -10.80
C GLU A 25 3.04 -12.62 -10.94
C GLU A 25 3.03 -12.63 -10.94
N ASP A 26 3.46 -13.88 -10.83
CA ASP A 26 2.52 -15.00 -10.82
C ASP A 26 1.55 -14.87 -9.65
N MET A 27 2.08 -14.59 -8.47
CA MET A 27 1.24 -14.42 -7.29
C MET A 27 0.12 -13.43 -7.54
N ALA A 28 0.49 -12.26 -8.12
CA ALA A 28 -0.49 -11.21 -8.37
C ALA A 28 -1.53 -11.67 -9.38
N ALA A 29 -1.11 -12.37 -10.42
CA ALA A 29 -2.06 -12.86 -11.42
C ALA A 29 -3.01 -13.88 -10.82
N PHE A 30 -2.52 -14.76 -9.95
CA PHE A 30 -3.39 -15.74 -9.30
C PHE A 30 -4.40 -15.02 -8.39
N MET A 31 -3.93 -14.08 -7.58
CA MET A 31 -4.83 -13.33 -6.70
C MET A 31 -5.81 -12.45 -7.48
N LYS A 32 -5.38 -11.86 -8.61
CA LYS A 32 -6.33 -11.16 -9.47
C LYS A 32 -7.43 -12.11 -9.94
N GLY A 33 -7.04 -13.31 -10.39
CA GLY A 33 -8.03 -14.32 -10.76
C GLY A 33 -8.96 -14.67 -9.60
N ALA A 34 -8.41 -14.81 -8.39
CA ALA A 34 -9.26 -15.14 -7.24
C ALA A 34 -10.28 -14.03 -6.95
N VAL A 35 -9.83 -12.78 -6.99
CA VAL A 35 -10.76 -11.66 -6.80
C VAL A 35 -11.88 -11.70 -7.84
N GLU A 36 -11.51 -11.94 -9.10
CA GLU A 36 -12.48 -11.91 -10.19
C GLU A 36 -13.48 -13.06 -10.12
N LYS A 37 -13.27 -14.03 -9.23
CA LYS A 37 -14.33 -15.01 -8.97
C LYS A 37 -15.56 -14.37 -8.36
N GLY A 38 -15.43 -13.19 -7.78
CA GLY A 38 -16.57 -12.43 -7.32
C GLY A 38 -16.94 -12.61 -5.87
N GLU A 39 -16.33 -13.56 -5.15
CA GLU A 39 -16.60 -13.71 -3.72
C GLU A 39 -15.72 -12.76 -2.91
N GLU A 40 -16.19 -12.40 -1.71
CA GLU A 40 -15.37 -11.60 -0.82
C GLU A 40 -14.11 -12.39 -0.44
N LEU A 41 -13.09 -11.67 0.05
CA LEU A 41 -11.83 -12.28 0.44
C LEU A 41 -11.74 -12.38 1.95
N SER A 42 -11.19 -13.50 2.43
CA SER A 42 -10.89 -13.65 3.86
C SER A 42 -9.71 -12.77 4.26
N CSO A 43 -9.40 -12.72 5.56
CA CSO A 43 -8.30 -11.91 6.07
CB CSO A 43 -8.26 -12.02 7.60
SG CSO A 43 -6.86 -11.15 8.30
C CSO A 43 -6.98 -12.37 5.43
O CSO A 43 -6.19 -11.56 4.93
OD CSO A 43 -5.44 -12.23 8.35
N GLU A 44 -6.74 -13.68 5.44
CA GLU A 44 -5.54 -14.25 4.82
C GLU A 44 -5.46 -13.96 3.31
N GLU A 45 -6.61 -14.08 2.63
CA GLU A 45 -6.65 -13.83 1.19
C GLU A 45 -6.38 -12.35 0.87
N ARG A 46 -6.91 -11.44 1.70
CA ARG A 46 -6.57 -10.03 1.53
C ARG A 46 -5.08 -9.80 1.66
N ASN A 47 -4.45 -10.45 2.64
CA ASN A 47 -3.00 -10.31 2.79
C ASN A 47 -2.27 -10.82 1.54
N LEU A 48 -2.72 -11.95 0.98
CA LEU A 48 -2.05 -12.48 -0.21
C LEU A 48 -2.15 -11.49 -1.37
N LEU A 49 -3.32 -10.93 -1.57
CA LEU A 49 -3.51 -9.93 -2.64
C LEU A 49 -2.56 -8.76 -2.44
N SER A 50 -2.53 -8.23 -1.21
CA SER A 50 -1.71 -7.07 -0.90
C SER A 50 -0.23 -7.36 -1.07
N VAL A 51 0.24 -8.48 -0.51
CA VAL A 51 1.67 -8.82 -0.61
C VAL A 51 2.09 -8.97 -2.06
N ALA A 52 1.25 -9.64 -2.86
CA ALA A 52 1.61 -9.86 -4.26
C ALA A 52 1.82 -8.53 -4.97
N TYR A 53 0.84 -7.64 -4.91
CA TYR A 53 0.97 -6.41 -5.68
C TYR A 53 1.98 -5.45 -5.05
N LYS A 54 2.20 -5.50 -3.74
CA LYS A 54 3.21 -4.62 -3.15
C LYS A 54 4.59 -4.98 -3.68
N ASN A 55 4.85 -6.28 -3.82
CA ASN A 55 6.12 -6.72 -4.35
C ASN A 55 6.27 -6.33 -5.81
N VAL A 56 5.22 -6.51 -6.61
CA VAL A 56 5.32 -6.19 -8.05
C VAL A 56 5.59 -4.71 -8.24
N VAL A 57 4.74 -3.87 -7.63
N VAL A 57 4.72 -3.86 -7.68
CA VAL A 57 4.91 -2.44 -7.81
CA VAL A 57 4.93 -2.41 -7.80
C VAL A 57 6.16 -1.95 -7.07
C VAL A 57 6.20 -1.99 -7.10
N GLY A 58 6.58 -2.67 -6.01
CA GLY A 58 7.79 -2.29 -5.32
C GLY A 58 9.02 -2.39 -6.20
N GLY A 59 9.11 -3.48 -6.98
CA GLY A 59 10.20 -3.58 -7.95
C GLY A 59 10.11 -2.53 -9.04
N GLN A 60 8.89 -2.21 -9.50
CA GLN A 60 8.73 -1.19 -10.53
C GLN A 60 9.13 0.18 -9.99
N ARG A 61 8.72 0.50 -8.76
CA ARG A 61 9.09 1.80 -8.20
C ARG A 61 10.60 1.93 -8.03
N ALA A 62 11.26 0.84 -7.61
CA ALA A 62 12.70 0.90 -7.43
C ALA A 62 13.38 1.09 -8.77
N ALA A 63 12.90 0.41 -9.81
CA ALA A 63 13.45 0.62 -11.16
C ALA A 63 13.22 2.04 -11.65
N TRP A 64 12.00 2.55 -11.46
CA TRP A 64 11.69 3.90 -11.90
C TRP A 64 12.60 4.91 -11.23
N ARG A 65 12.88 4.74 -9.93
CA ARG A 65 13.73 5.71 -9.24
C ARG A 65 15.15 5.67 -9.80
N VAL A 66 15.68 4.47 -10.07
CA VAL A 66 17.01 4.37 -10.69
C VAL A 66 17.02 5.14 -12.01
N LEU A 67 16.03 4.89 -12.87
CA LEU A 67 16.02 5.50 -14.19
C LEU A 67 15.76 7.00 -14.12
N SER A 68 14.82 7.43 -13.26
N SER A 68 14.83 7.44 -13.26
CA SER A 68 14.58 8.87 -13.08
CA SER A 68 14.60 8.87 -13.10
C SER A 68 15.85 9.59 -12.63
C SER A 68 15.86 9.58 -12.64
N SER A 69 16.65 8.95 -11.78
CA SER A 69 17.88 9.56 -11.30
C SER A 69 18.89 9.70 -12.44
N ILE A 70 19.05 8.64 -13.23
CA ILE A 70 19.93 8.73 -14.40
C ILE A 70 19.44 9.81 -15.34
N GLU A 71 18.13 9.88 -15.54
CA GLU A 71 17.56 10.85 -16.46
C GLU A 71 17.84 12.28 -16.01
N GLN A 72 17.71 12.55 -14.71
CA GLN A 72 17.97 13.89 -14.22
C GLN A 72 19.45 14.25 -14.31
N LYS A 73 20.34 13.27 -14.13
CA LYS A 73 21.76 13.57 -14.30
C LYS A 73 22.10 13.93 -15.74
N SER A 74 21.36 13.36 -16.71
CA SER A 74 21.61 13.71 -18.11
C SER A 74 21.09 15.08 -18.47
N ASN A 75 20.10 15.60 -17.75
CA ASN A 75 19.55 16.93 -18.01
C ASN A 75 20.14 17.98 -17.07
N GLY A 83 20.96 10.91 -25.86
CA GLY A 83 19.84 10.59 -26.73
C GLY A 83 18.54 10.41 -25.97
N PRO A 84 17.50 9.94 -26.66
CA PRO A 84 16.19 9.78 -26.02
C PRO A 84 16.05 8.50 -25.21
N GLU A 85 17.08 7.67 -25.14
CA GLU A 85 16.89 6.31 -24.66
C GLU A 85 16.52 6.28 -23.17
N VAL A 86 17.19 7.10 -22.36
CA VAL A 86 16.92 7.04 -20.92
C VAL A 86 15.50 7.47 -20.63
N ARG A 87 15.07 8.60 -21.23
CA ARG A 87 13.68 9.04 -21.08
C ARG A 87 12.71 7.98 -21.60
N GLU A 88 13.00 7.41 -22.78
CA GLU A 88 12.10 6.41 -23.35
C GLU A 88 11.94 5.22 -22.42
N TYR A 89 13.05 4.75 -21.85
CA TYR A 89 12.99 3.56 -21.02
C TYR A 89 12.32 3.85 -19.66
N ARG A 90 12.63 5.03 -19.08
CA ARG A 90 11.90 5.45 -17.88
C ARG A 90 10.40 5.53 -18.15
N GLU A 91 10.02 6.09 -19.31
N GLU A 91 10.01 6.08 -19.31
CA GLU A 91 8.60 6.17 -19.68
CA GLU A 91 8.59 6.15 -19.65
C GLU A 91 7.99 4.77 -19.78
C GLU A 91 7.99 4.76 -19.76
N LYS A 92 8.73 3.80 -20.30
CA LYS A 92 8.20 2.45 -20.47
C LYS A 92 7.93 1.83 -19.09
N VAL A 93 8.91 1.91 -18.20
CA VAL A 93 8.73 1.42 -16.83
C VAL A 93 7.60 2.16 -16.15
N GLU A 94 7.56 3.48 -16.31
CA GLU A 94 6.50 4.28 -15.70
C GLU A 94 5.12 3.83 -16.17
N THR A 95 4.98 3.59 -17.47
CA THR A 95 3.70 3.14 -18.00
C THR A 95 3.30 1.77 -17.45
N GLU A 96 4.27 0.86 -17.28
N GLU A 96 4.27 0.87 -17.30
CA GLU A 96 3.96 -0.45 -16.75
CA GLU A 96 3.99 -0.45 -16.75
C GLU A 96 3.55 -0.35 -15.28
C GLU A 96 3.56 -0.37 -15.29
N LEU A 97 4.24 0.50 -14.53
CA LEU A 97 3.86 0.75 -13.14
C LEU A 97 2.44 1.30 -13.06
N GLN A 98 2.14 2.31 -13.87
CA GLN A 98 0.79 2.87 -13.86
C GLN A 98 -0.23 1.81 -14.20
N GLY A 99 0.11 0.89 -15.10
CA GLY A 99 -0.85 -0.14 -15.45
C GLY A 99 -1.13 -1.08 -14.29
N VAL A 100 -0.10 -1.44 -13.52
CA VAL A 100 -0.30 -2.26 -12.34
C VAL A 100 -1.14 -1.53 -11.29
N CYS A 101 -0.82 -0.25 -11.04
CA CYS A 101 -1.64 0.51 -10.09
C CYS A 101 -3.09 0.56 -10.54
N ASP A 102 -3.32 0.81 -11.84
CA ASP A 102 -4.68 0.87 -12.36
C ASP A 102 -5.39 -0.47 -12.18
N THR A 103 -4.65 -1.57 -12.36
CA THR A 103 -5.26 -2.89 -12.21
C THR A 103 -5.74 -3.11 -10.78
N VAL A 104 -4.88 -2.80 -9.81
CA VAL A 104 -5.24 -2.94 -8.39
C VAL A 104 -6.43 -2.05 -8.05
N LEU A 105 -6.36 -0.77 -8.48
CA LEU A 105 -7.48 0.14 -8.20
C LEU A 105 -8.76 -0.36 -8.85
N GLY A 106 -8.64 -0.98 -10.03
CA GLY A 106 -9.80 -1.57 -10.66
C GLY A 106 -10.40 -2.71 -9.86
N LEU A 107 -9.55 -3.54 -9.23
CA LEU A 107 -10.07 -4.63 -8.41
C LEU A 107 -10.78 -4.07 -7.18
N LEU A 108 -10.22 -3.02 -6.58
CA LEU A 108 -10.86 -2.44 -5.40
C LEU A 108 -12.21 -1.84 -5.75
N ASP A 109 -12.31 -1.22 -6.93
CA ASP A 109 -13.53 -0.58 -7.38
C ASP A 109 -14.54 -1.56 -7.96
N SER A 110 -14.10 -2.75 -8.39
CA SER A 110 -14.97 -3.74 -9.01
C SER A 110 -14.62 -5.14 -8.49
N HIS A 111 -15.09 -5.51 -7.30
CA HIS A 111 -16.03 -4.77 -6.47
C HIS A 111 -15.69 -4.95 -4.99
N LEU A 112 -14.39 -4.97 -4.68
CA LEU A 112 -13.97 -5.32 -3.33
C LEU A 112 -14.50 -4.32 -2.29
N ILE A 113 -14.36 -3.03 -2.56
CA ILE A 113 -14.68 -2.04 -1.54
C ILE A 113 -16.18 -1.99 -1.28
N LYS A 114 -16.98 -1.99 -2.35
CA LYS A 114 -18.40 -1.84 -2.13
C LYS A 114 -18.99 -3.02 -1.38
N GLU A 115 -18.37 -4.21 -1.46
CA GLU A 115 -18.90 -5.34 -0.72
C GLU A 115 -18.28 -5.48 0.67
N ALA A 116 -17.34 -4.63 1.04
CA ALA A 116 -16.63 -4.76 2.32
C ALA A 116 -17.39 -4.00 3.40
N GLY A 117 -18.05 -4.73 4.29
CA GLY A 117 -18.83 -4.11 5.37
C GLY A 117 -18.16 -4.07 6.73
N ASP A 118 -17.34 -5.08 7.02
CA ASP A 118 -16.65 -5.11 8.30
C ASP A 118 -15.51 -4.10 8.30
N ALA A 119 -15.26 -3.51 9.47
CA ALA A 119 -14.18 -2.54 9.60
C ALA A 119 -12.84 -3.09 9.10
N GLU A 120 -12.50 -4.34 9.47
CA GLU A 120 -11.19 -4.90 9.11
C GLU A 120 -11.01 -4.97 7.60
N SER A 121 -12.06 -5.37 6.88
CA SER A 121 -11.91 -5.44 5.43
C SER A 121 -12.01 -4.06 4.78
N ARG A 122 -12.96 -3.23 5.22
CA ARG A 122 -13.12 -1.94 4.55
C ARG A 122 -11.90 -1.05 4.75
N VAL A 123 -11.37 -0.99 5.97
CA VAL A 123 -10.15 -0.20 6.22
C VAL A 123 -8.98 -0.74 5.41
N PHE A 124 -8.87 -2.08 5.33
CA PHE A 124 -7.77 -2.67 4.56
C PHE A 124 -7.82 -2.23 3.10
N TYR A 125 -9.00 -2.36 2.46
CA TYR A 125 -9.10 -2.02 1.05
C TYR A 125 -8.91 -0.52 0.84
N LEU A 126 -9.39 0.32 1.77
CA LEU A 126 -9.25 1.75 1.55
C LEU A 126 -7.80 2.18 1.72
N LYS A 127 -7.10 1.57 2.68
CA LYS A 127 -5.66 1.80 2.78
C LYS A 127 -4.96 1.41 1.47
N MET A 128 -5.32 0.26 0.91
CA MET A 128 -4.76 -0.13 -0.39
C MET A 128 -5.03 0.93 -1.44
N LYS A 129 -6.28 1.43 -1.50
CA LYS A 129 -6.63 2.45 -2.47
C LYS A 129 -5.76 3.70 -2.30
N GLY A 130 -5.57 4.14 -1.05
CA GLY A 130 -4.66 5.25 -0.81
C GLY A 130 -3.24 4.96 -1.27
N ASP A 131 -2.75 3.76 -0.97
CA ASP A 131 -1.39 3.40 -1.34
C ASP A 131 -1.20 3.43 -2.86
N TYR A 132 -2.12 2.83 -3.62
CA TYR A 132 -1.88 2.74 -5.07
C TYR A 132 -2.09 4.10 -5.75
N TYR A 133 -2.96 4.96 -5.21
CA TYR A 133 -2.96 6.34 -5.70
C TYR A 133 -1.69 7.07 -5.31
N ARG A 134 -1.13 6.78 -4.12
CA ARG A 134 0.15 7.37 -3.74
C ARG A 134 1.25 6.98 -4.73
N TYR A 135 1.27 5.71 -5.14
CA TYR A 135 2.29 5.30 -6.13
C TYR A 135 2.08 6.01 -7.46
N LEU A 136 0.82 6.16 -7.90
CA LEU A 136 0.56 6.98 -9.08
C LEU A 136 1.05 8.40 -8.88
N ALA A 137 0.83 8.97 -7.69
CA ALA A 137 1.28 10.35 -7.44
C ALA A 137 2.80 10.48 -7.52
N GLU A 138 3.54 9.43 -7.14
CA GLU A 138 5.01 9.52 -7.13
C GLU A 138 5.57 9.81 -8.51
N VAL A 139 4.91 9.33 -9.55
CA VAL A 139 5.36 9.51 -10.94
C VAL A 139 4.54 10.55 -11.70
N ALA A 140 3.52 11.14 -11.08
CA ALA A 140 2.66 12.07 -11.76
C ALA A 140 3.31 13.43 -11.88
N THR A 141 3.04 14.12 -13.00
CA THR A 141 3.54 15.48 -13.16
C THR A 141 2.44 16.40 -13.65
N GLY A 142 1.80 16.03 -14.77
CA GLY A 142 0.92 16.90 -15.52
C GLY A 142 -0.40 17.28 -14.89
N ASP A 143 -1.45 17.31 -15.73
CA ASP A 143 -2.71 17.93 -15.35
C ASP A 143 -3.39 17.24 -14.18
N ASP A 144 -3.04 15.99 -13.90
CA ASP A 144 -3.78 15.19 -12.93
C ASP A 144 -3.02 14.91 -11.65
N LYS A 145 -1.80 15.46 -11.45
CA LYS A 145 -1.10 15.15 -10.22
C LYS A 145 -1.91 15.58 -9.00
N LYS A 146 -2.55 16.76 -9.09
CA LYS A 146 -3.35 17.23 -7.96
C LYS A 146 -4.54 16.32 -7.73
N ARG A 147 -5.21 15.90 -8.81
CA ARG A 147 -6.38 15.05 -8.61
C ARG A 147 -5.96 13.69 -8.07
N ILE A 148 -4.80 13.20 -8.49
CA ILE A 148 -4.33 11.90 -8.02
C ILE A 148 -4.02 11.98 -6.53
N ILE A 149 -3.34 13.05 -6.10
CA ILE A 149 -3.04 13.27 -4.70
C ILE A 149 -4.33 13.36 -3.87
N ASP A 150 -5.33 14.09 -4.37
CA ASP A 150 -6.57 14.17 -3.62
C ASP A 150 -7.27 12.83 -3.55
N SER A 151 -7.15 11.99 -4.59
CA SER A 151 -7.73 10.67 -4.52
C SER A 151 -7.05 9.81 -3.46
N ALA A 152 -5.72 9.90 -3.38
CA ALA A 152 -5.03 9.19 -2.30
C ALA A 152 -5.49 9.71 -0.93
N ARG A 153 -5.50 11.02 -0.76
N ARG A 153 -5.49 11.03 -0.76
CA ARG A 153 -5.86 11.61 0.54
CA ARG A 153 -5.87 11.62 0.53
C ARG A 153 -7.27 11.18 0.95
C ARG A 153 -7.27 11.18 0.95
N SER A 154 -8.21 11.20 0.00
CA SER A 154 -9.59 10.88 0.34
C SER A 154 -9.73 9.44 0.80
N ALA A 155 -9.07 8.50 0.12
CA ALA A 155 -9.11 7.09 0.52
C ALA A 155 -8.52 6.89 1.91
N TYR A 156 -7.33 7.47 2.13
CA TYR A 156 -6.68 7.36 3.44
C TYR A 156 -7.56 7.96 4.52
N GLN A 157 -8.16 9.11 4.24
CA GLN A 157 -8.99 9.78 5.25
C GLN A 157 -10.21 8.96 5.62
N GLU A 158 -10.90 8.41 4.62
CA GLU A 158 -12.05 7.56 4.94
C GLU A 158 -11.62 6.36 5.78
N ALA A 159 -10.47 5.74 5.43
CA ALA A 159 -9.96 4.61 6.21
C ALA A 159 -9.62 5.03 7.64
N MET A 160 -8.94 6.19 7.82
CA MET A 160 -8.66 6.73 9.15
C MET A 160 -9.94 6.91 9.96
N ASP A 161 -10.94 7.56 9.36
CA ASP A 161 -12.17 7.81 10.12
C ASP A 161 -12.79 6.50 10.62
N ILE A 162 -12.86 5.47 9.77
CA ILE A 162 -13.40 4.18 10.20
C ILE A 162 -12.52 3.54 11.27
N SER A 163 -11.20 3.56 11.07
CA SER A 163 -10.32 2.86 12.00
C SER A 163 -10.36 3.50 13.38
N LYS A 164 -10.50 4.83 13.44
CA LYS A 164 -10.56 5.46 14.75
C LYS A 164 -11.85 5.12 15.47
N LYS A 165 -12.94 4.91 14.73
CA LYS A 165 -14.23 4.57 15.32
C LYS A 165 -14.32 3.09 15.69
N GLU A 166 -13.72 2.20 14.90
CA GLU A 166 -14.02 0.78 14.98
C GLU A 166 -12.87 -0.11 15.42
N MET A 167 -11.66 0.43 15.57
CA MET A 167 -10.53 -0.44 15.87
C MET A 167 -9.77 0.12 17.07
N PRO A 168 -9.15 -0.75 17.86
CA PRO A 168 -8.31 -0.26 18.96
C PRO A 168 -7.05 0.38 18.43
N PRO A 169 -6.43 1.30 19.20
CA PRO A 169 -5.25 2.01 18.70
C PRO A 169 -4.07 1.12 18.40
N THR A 170 -4.05 -0.12 18.89
CA THR A 170 -2.95 -1.03 18.60
C THR A 170 -3.22 -1.94 17.41
N ASN A 171 -4.39 -1.88 16.82
CA ASN A 171 -4.69 -2.78 15.70
C ASN A 171 -3.65 -2.60 14.58
N PRO A 172 -3.00 -3.68 14.13
CA PRO A 172 -1.93 -3.51 13.12
C PRO A 172 -2.38 -2.86 11.82
N ILE A 173 -3.61 -3.13 11.37
CA ILE A 173 -4.09 -2.46 10.18
C ILE A 173 -4.24 -0.96 10.44
N ARG A 174 -4.79 -0.59 11.60
CA ARG A 174 -4.91 0.82 11.95
C ARG A 174 -3.53 1.48 12.02
N LEU A 175 -2.55 0.78 12.60
CA LEU A 175 -1.20 1.33 12.73
C LEU A 175 -0.52 1.47 11.37
N GLY A 176 -0.61 0.44 10.52
CA GLY A 176 0.02 0.52 9.21
C GLY A 176 -0.65 1.56 8.33
N LEU A 177 -1.96 1.73 8.48
CA LEU A 177 -2.64 2.79 7.76
C LEU A 177 -2.10 4.16 8.18
N ALA A 178 -1.99 4.38 9.49
CA ALA A 178 -1.48 5.67 9.96
C ALA A 178 -0.05 5.88 9.53
N LEU A 179 0.77 4.83 9.58
CA LEU A 179 2.14 4.92 9.10
C LEU A 179 2.18 5.38 7.65
N ASN A 180 1.39 4.74 6.78
CA ASN A 180 1.45 5.06 5.35
C ASN A 180 0.84 6.43 5.05
N PHE A 181 -0.24 6.80 5.78
CA PHE A 181 -0.81 8.14 5.62
C PHE A 181 0.22 9.19 6.04
N SER A 182 0.96 8.92 7.12
N SER A 182 1.00 8.91 7.10
CA SER A 182 2.03 9.83 7.51
CA SER A 182 2.02 9.88 7.49
C SER A 182 3.08 9.97 6.42
C SER A 182 3.09 9.99 6.40
N VAL A 183 3.45 8.87 5.77
CA VAL A 183 4.40 8.92 4.66
C VAL A 183 3.82 9.73 3.51
N PHE A 184 2.51 9.53 3.23
CA PHE A 184 1.83 10.34 2.23
C PHE A 184 1.98 11.82 2.55
N HIS A 185 1.73 12.20 3.83
CA HIS A 185 1.83 13.63 4.18
C HIS A 185 3.24 14.14 3.93
N TYR A 186 4.24 13.34 4.31
CA TYR A 186 5.63 13.81 4.28
C TYR A 186 6.15 13.85 2.85
N GLU A 187 5.91 12.79 2.09
CA GLU A 187 6.57 12.59 0.81
C GLU A 187 5.78 13.14 -0.36
N ILE A 188 4.46 13.18 -0.27
CA ILE A 188 3.60 13.50 -1.40
C ILE A 188 2.95 14.86 -1.23
N ALA A 189 2.38 15.10 -0.05
CA ALA A 189 1.54 16.29 0.20
C ALA A 189 2.34 17.49 0.68
N ASN A 190 3.64 17.36 0.84
CA ASN A 190 4.47 18.47 1.32
C ASN A 190 3.94 19.00 2.64
N SER A 191 3.56 18.09 3.54
CA SER A 191 3.06 18.46 4.87
C SER A 191 3.83 17.72 5.95
N PRO A 192 5.13 18.01 6.08
CA PRO A 192 5.92 17.26 7.07
C PRO A 192 5.43 17.44 8.50
N GLU A 193 4.88 18.59 8.86
CA GLU A 193 4.38 18.74 10.24
C GLU A 193 3.17 17.83 10.49
N GLU A 194 2.28 17.72 9.50
CA GLU A 194 1.16 16.78 9.64
C GLU A 194 1.66 15.35 9.75
N ALA A 195 2.69 15.02 8.98
CA ALA A 195 3.27 13.67 9.03
C ALA A 195 3.80 13.35 10.42
N ILE A 196 4.58 14.27 10.99
CA ILE A 196 5.17 14.08 12.30
C ILE A 196 4.08 14.00 13.38
N SER A 197 3.11 14.90 13.32
N SER A 197 3.09 14.89 13.32
CA SER A 197 2.02 14.90 14.30
CA SER A 197 2.03 14.89 14.32
C SER A 197 1.24 13.59 14.26
C SER A 197 1.22 13.60 14.26
N LEU A 198 0.91 13.13 13.06
CA LEU A 198 0.16 11.88 12.95
C LEU A 198 0.98 10.70 13.49
N ALA A 199 2.26 10.63 13.14
CA ALA A 199 3.06 9.50 13.61
C ALA A 199 3.21 9.53 15.13
N LYS A 200 3.37 10.73 15.71
CA LYS A 200 3.54 10.85 17.16
C LYS A 200 2.27 10.43 17.89
N THR A 201 1.13 11.01 17.49
CA THR A 201 -0.14 10.69 18.13
C THR A 201 -0.49 9.21 17.97
N THR A 202 -0.23 8.65 16.79
CA THR A 202 -0.46 7.21 16.59
C THR A 202 0.38 6.38 17.53
N PHE A 203 1.67 6.73 17.63
CA PHE A 203 2.58 5.98 18.50
C PHE A 203 2.13 6.07 19.96
N ASP A 204 1.83 7.28 20.43
CA ASP A 204 1.49 7.49 21.83
C ASP A 204 0.18 6.80 22.20
N GLU A 205 -0.81 6.83 21.30
CA GLU A 205 -2.08 6.20 21.64
C GLU A 205 -1.94 4.68 21.60
N ALA A 206 -1.07 4.15 20.74
CA ALA A 206 -0.81 2.72 20.77
C ALA A 206 -0.09 2.33 22.05
N MET A 207 0.91 3.10 22.45
CA MET A 207 1.68 2.75 23.63
C MET A 207 0.76 2.60 24.84
N ALA A 208 -0.22 3.49 24.96
CA ALA A 208 -1.14 3.48 26.09
C ALA A 208 -2.13 2.34 26.06
N ASP A 209 -2.26 1.63 24.93
CA ASP A 209 -3.17 0.50 24.78
C ASP A 209 -2.45 -0.84 24.84
N LEU A 210 -1.11 -0.85 24.91
CA LEU A 210 -0.37 -2.10 24.85
C LEU A 210 -0.72 -3.02 26.03
N HIS A 211 -1.07 -2.43 27.17
CA HIS A 211 -1.33 -3.25 28.35
C HIS A 211 -2.49 -4.23 28.14
N THR A 212 -3.35 -4.01 27.15
CA THR A 212 -4.51 -4.85 26.91
C THR A 212 -4.21 -6.11 26.11
N LEU A 213 -3.00 -6.25 25.57
CA LEU A 213 -2.68 -7.23 24.54
C LEU A 213 -2.03 -8.48 25.11
N SER A 214 -2.25 -9.60 24.42
CA SER A 214 -1.48 -10.80 24.63
C SER A 214 -0.03 -10.60 24.18
N GLU A 215 0.81 -11.58 24.55
CA GLU A 215 2.21 -11.54 24.15
C GLU A 215 2.37 -11.49 22.63
N ASP A 216 1.57 -12.27 21.90
CA ASP A 216 1.74 -12.28 20.45
C ASP A 216 1.23 -10.99 19.82
N SER A 217 0.09 -10.49 20.27
CA SER A 217 -0.44 -9.22 19.77
C SER A 217 0.49 -8.06 20.13
N TYR A 218 1.05 -8.09 21.35
CA TYR A 218 2.06 -7.10 21.72
C TYR A 218 3.22 -7.08 20.73
N LYS A 219 3.69 -8.26 20.31
CA LYS A 219 4.79 -8.30 19.35
C LYS A 219 4.37 -7.71 18.00
N ASP A 220 3.16 -8.04 17.54
CA ASP A 220 2.67 -7.50 16.27
C ASP A 220 2.61 -5.97 16.31
N SER A 221 2.03 -5.42 17.38
CA SER A 221 1.84 -3.96 17.46
C SER A 221 3.17 -3.22 17.68
N THR A 222 4.02 -3.72 18.58
CA THR A 222 5.25 -2.98 18.82
C THR A 222 6.15 -2.99 17.60
N LEU A 223 6.07 -4.03 16.76
CA LEU A 223 6.87 -4.03 15.53
C LEU A 223 6.51 -2.84 14.65
N ILE A 224 5.22 -2.58 14.47
CA ILE A 224 4.81 -1.47 13.62
C ILE A 224 5.03 -0.16 14.32
N MET A 225 4.86 -0.11 15.65
CA MET A 225 5.21 1.13 16.34
C MET A 225 6.67 1.50 16.14
N GLN A 226 7.56 0.50 16.06
CA GLN A 226 8.96 0.83 15.80
C GLN A 226 9.16 1.48 14.45
N LEU A 227 8.37 1.09 13.44
CA LEU A 227 8.45 1.75 12.15
C LEU A 227 8.01 3.21 12.23
N LEU A 228 6.95 3.50 12.99
CA LEU A 228 6.59 4.89 13.24
C LEU A 228 7.74 5.63 13.91
N ARG A 229 8.35 5.03 14.93
CA ARG A 229 9.47 5.65 15.62
C ARG A 229 10.64 5.91 14.67
N ASP A 230 10.95 4.94 13.79
CA ASP A 230 12.06 5.13 12.86
C ASP A 230 11.83 6.35 11.98
N ASN A 231 10.61 6.52 11.48
CA ASN A 231 10.30 7.69 10.66
C ASN A 231 10.46 8.96 11.47
N LEU A 232 9.92 8.99 12.69
CA LEU A 232 10.05 10.19 13.52
C LEU A 232 11.51 10.54 13.75
N THR A 233 12.36 9.54 13.93
CA THR A 233 13.79 9.79 14.10
C THR A 233 14.40 10.37 12.83
N LEU A 234 13.95 9.90 11.67
CA LEU A 234 14.43 10.46 10.42
C LEU A 234 13.91 11.88 10.19
N TRP A 235 12.71 12.18 10.68
CA TRP A 235 12.05 13.45 10.37
C TRP A 235 12.33 14.54 11.40
N THR A 236 12.91 14.21 12.54
CA THR A 236 13.13 15.20 13.57
C THR A 236 14.58 15.18 14.05
N ALA B 5 12.19 7.61 4.48
CA ALA B 5 10.90 7.46 5.13
C ALA B 5 10.22 6.15 4.71
N GLY B 6 10.04 5.25 5.67
CA GLY B 6 9.52 3.94 5.35
C GLY B 6 8.03 3.79 5.47
N SEP B 7 7.39 3.33 4.40
CA SEP B 7 6.03 2.84 4.53
CB SEP B 7 5.31 2.84 3.17
OG SEP B 7 6.04 1.97 2.32
C SEP B 7 6.09 1.43 5.08
O SEP B 7 7.17 0.87 5.26
P SEP B 7 5.67 2.15 0.77
O1P SEP B 7 6.13 3.59 0.27
O2P SEP B 7 6.59 1.02 0.12
O3P SEP B 7 4.12 1.90 0.57
N ILE B 8 4.92 0.84 5.31
CA ILE B 8 4.80 -0.56 5.67
C ILE B 8 5.50 -1.36 4.58
N PRO B 9 6.48 -2.19 4.96
CA PRO B 9 7.14 -3.01 3.94
C PRO B 9 6.13 -3.86 3.20
N GLY B 10 5.34 -4.64 3.94
CA GLY B 10 4.20 -5.35 3.34
C GLY B 10 4.59 -6.31 2.23
N ARG B 11 5.82 -6.80 2.25
CA ARG B 11 6.35 -7.69 1.22
C ARG B 11 6.29 -9.16 1.59
N ARG B 12 6.01 -9.50 2.86
CA ARG B 12 6.02 -10.88 3.33
C ARG B 12 4.69 -11.19 4.02
N SER B 13 4.06 -12.30 3.64
CA SER B 13 2.64 -12.57 3.94
C SER B 13 2.30 -12.41 5.42
CL CL C . 12.08 1.55 -24.22
C01 V3N D . -1.32 -2.20 5.83
C02 V3N D . -0.59 -3.18 6.74
C03 V3N D . 0.21 -4.15 6.17
C04 V3N D . 0.89 -5.04 6.98
C05 V3N D . 0.73 -4.97 8.36
C06 V3N D . 1.48 -5.97 9.22
C08 V3N D . 3.55 -7.42 9.35
C09 V3N D . 4.92 -6.92 8.91
C10 V3N D . 5.23 -5.69 9.65
C11 V3N D . 6.15 -5.89 10.86
C13 V3N D . 6.31 -8.33 10.39
C14 V3N D . 5.95 -7.94 8.96
C16 V3N D . -0.07 -4.01 8.94
C17 V3N D . -0.74 -3.11 8.12
N07 V3N D . 2.70 -6.49 8.66
O12 V3N D . 6.24 -7.25 11.37
O15 V3N D . 1.08 -6.30 10.28
#